data_5M43
#
_entry.id   5M43
#
_cell.length_a   88.758
_cell.length_b   88.758
_cell.length_c   53.079
_cell.angle_alpha   90.000
_cell.angle_beta   90.000
_cell.angle_gamma   90.000
#
_symmetry.space_group_name_H-M   'P 43 21 2'
#
loop_
_entity.id
_entity.type
_entity.pdbx_description
1 polymer 'Putative uncharacterized protein'
2 non-polymer 'NITRATE ION'
3 non-polymer GLYCEROL
4 water water
#
_entity_poly.entity_id   1
_entity_poly.type   'polypeptide(L)'
_entity_poly.pdbx_seq_one_letter_code
;MALNRIKGDDELFVGGVFGANRARLIKEHRITHILSVIDHTVDRENEAFRHVKHLSIDIDDMEDQDILIHLPKIVRFIDS
GLRGIDPSDSSAVASPGVVLVHCAMGKSRSVTAIIAYLLWKYPYRFGKSDPNISAKEAVSRALEWVRETRPIAGPNDGFM
RQLEMWWDMGCPADSDDAVEREPAYQRWLYQREVEDAARIGRAPDRLRFEDEAATAEGSHHHHHH
;
_entity_poly.pdbx_strand_id   A
#
# COMPACT_ATOMS: atom_id res chain seq x y z
N ALA A 2 -0.48 15.57 -2.48
CA ALA A 2 -1.58 14.89 -3.12
C ALA A 2 -1.64 13.48 -2.62
N LEU A 3 -2.79 12.93 -2.82
CA LEU A 3 -2.97 11.48 -2.73
C LEU A 3 -3.07 10.92 -4.15
N ASN A 4 -2.10 10.13 -4.57
CA ASN A 4 -2.06 9.68 -5.95
C ASN A 4 -2.68 8.31 -6.13
N ARG A 5 -3.41 8.16 -7.24
CA ARG A 5 -4.06 6.88 -7.55
C ARG A 5 -3.08 5.96 -8.27
N ILE A 6 -2.95 4.71 -7.76
CA ILE A 6 -2.09 3.74 -8.40
C ILE A 6 -2.64 3.35 -9.78
N LYS A 7 -1.75 3.25 -10.79
CA LYS A 7 -2.14 2.83 -12.14
C LYS A 7 -2.81 1.46 -12.13
N GLY A 8 -3.90 1.37 -12.88
CA GLY A 8 -4.57 0.08 -12.98
C GLY A 8 -6.02 0.16 -12.61
N ASP A 9 -6.63 -1.01 -12.39
CA ASP A 9 -8.08 -1.04 -12.22
C ASP A 9 -8.52 -0.89 -10.77
N ASP A 10 -7.63 -0.80 -9.81
CA ASP A 10 -8.04 -0.74 -8.42
C ASP A 10 -8.14 0.70 -7.98
N GLU A 11 -9.11 0.99 -7.12
CA GLU A 11 -9.20 2.35 -6.57
C GLU A 11 -8.35 2.39 -5.30
N LEU A 12 -7.05 2.50 -5.54
CA LEU A 12 -5.99 2.36 -4.56
C LEU A 12 -5.16 3.65 -4.66
N PHE A 13 -4.92 4.26 -3.49
CA PHE A 13 -4.25 5.56 -3.42
C PHE A 13 -3.07 5.48 -2.46
N VAL A 14 -2.11 6.38 -2.67
CA VAL A 14 -0.91 6.43 -1.82
C VAL A 14 -0.59 7.90 -1.54
N GLY A 15 -0.05 8.14 -0.37
CA GLY A 15 0.33 9.50 -0.03
C GLY A 15 1.01 9.57 1.32
N GLY A 16 1.34 10.80 1.70
CA GLY A 16 1.96 11.08 2.98
C GLY A 16 0.96 11.52 4.03
N VAL A 17 1.51 11.94 5.18
CA VAL A 17 0.64 12.13 6.34
C VAL A 17 -0.17 13.41 6.24
N PHE A 18 0.38 14.48 5.63
CA PHE A 18 -0.41 15.72 5.60
C PHE A 18 -1.63 15.54 4.67
N GLY A 19 -1.44 14.76 3.59
CA GLY A 19 -2.57 14.47 2.71
C GLY A 19 -3.56 13.52 3.33
N ALA A 20 -3.05 12.53 4.10
CA ALA A 20 -3.98 11.55 4.69
C ALA A 20 -4.82 12.20 5.79
N ASN A 21 -4.38 13.34 6.34
CA ASN A 21 -5.16 14.02 7.34
C ASN A 21 -6.13 15.04 6.78
N ARG A 22 -6.09 15.27 5.46
CA ARG A 22 -6.90 16.32 4.83
C ARG A 22 -8.29 15.74 4.50
N ALA A 23 -9.30 16.12 5.29
CA ALA A 23 -10.66 15.67 5.05
C ALA A 23 -11.10 15.93 3.61
N ARG A 24 -10.69 17.06 3.06
N ARG A 24 -10.71 17.07 3.05
CA ARG A 24 -11.07 17.43 1.69
CA ARG A 24 -11.08 17.41 1.67
C ARG A 24 -10.62 16.39 0.68
C ARG A 24 -10.63 16.35 0.68
N LEU A 25 -9.43 15.81 0.86
CA LEU A 25 -8.91 14.85 -0.10
C LEU A 25 -9.54 13.49 0.11
N ILE A 26 -9.74 13.10 1.38
CA ILE A 26 -10.48 11.87 1.64
C ILE A 26 -11.84 11.92 0.95
N LYS A 27 -12.53 13.05 1.05
CA LYS A 27 -13.86 13.18 0.42
C LYS A 27 -13.75 13.24 -1.10
N GLU A 28 -12.72 13.93 -1.62
CA GLU A 28 -12.57 14.05 -3.08
C GLU A 28 -12.42 12.70 -3.75
N HIS A 29 -11.64 11.81 -3.15
CA HIS A 29 -11.38 10.51 -3.71
C HIS A 29 -12.32 9.46 -3.16
N ARG A 30 -13.23 9.83 -2.25
CA ARG A 30 -14.26 8.90 -1.75
C ARG A 30 -13.58 7.72 -1.05
N ILE A 31 -12.52 8.03 -0.34
CA ILE A 31 -11.76 7.00 0.39
C ILE A 31 -12.58 6.44 1.54
N THR A 32 -12.61 5.10 1.63
CA THR A 32 -13.38 4.42 2.68
C THR A 32 -12.49 3.68 3.67
N HIS A 33 -11.25 3.41 3.28
CA HIS A 33 -10.34 2.58 4.06
C HIS A 33 -9.01 3.27 4.07
N ILE A 34 -8.37 3.37 5.23
CA ILE A 34 -7.03 3.95 5.34
C ILE A 34 -6.12 2.95 6.03
N LEU A 35 -5.03 2.56 5.35
CA LEU A 35 -3.94 1.80 5.95
C LEU A 35 -2.80 2.78 6.23
N SER A 36 -2.50 2.98 7.51
CA SER A 36 -1.35 3.79 7.93
C SER A 36 -0.17 2.86 8.16
N VAL A 37 0.84 2.95 7.28
CA VAL A 37 2.05 2.16 7.50
C VAL A 37 2.96 3.08 8.31
N ILE A 38 2.44 3.49 9.47
CA ILE A 38 3.09 4.37 10.41
C ILE A 38 2.14 4.48 11.56
N ASP A 39 2.63 4.81 12.74
CA ASP A 39 1.69 5.01 13.81
C ASP A 39 0.84 6.22 13.47
N HIS A 40 -0.47 6.09 13.60
CA HIS A 40 -1.39 7.13 13.17
C HIS A 40 -2.72 6.90 13.85
N THR A 41 -3.42 7.98 14.15
CA THR A 41 -4.80 7.96 14.62
C THR A 41 -5.65 8.89 13.75
N VAL A 42 -6.77 8.38 13.19
CA VAL A 42 -7.66 9.24 12.39
C VAL A 42 -8.56 10.06 13.33
N ASP A 43 -8.95 11.26 12.87
CA ASP A 43 -9.79 12.19 13.62
C ASP A 43 -11.24 11.81 13.44
N ARG A 44 -11.75 11.02 14.40
CA ARG A 44 -13.11 10.51 14.29
C ARG A 44 -14.16 11.60 14.55
N GLU A 45 -13.76 12.74 15.11
CA GLU A 45 -14.68 13.86 15.26
C GLU A 45 -14.93 14.60 13.96
N ASN A 46 -14.14 14.33 12.92
CA ASN A 46 -14.37 14.92 11.62
C ASN A 46 -15.21 13.93 10.81
N GLU A 47 -16.35 14.42 10.29
CA GLU A 47 -17.28 13.59 9.53
C GLU A 47 -16.59 12.79 8.44
N ALA A 48 -15.55 13.36 7.83
CA ALA A 48 -14.87 12.65 6.75
C ALA A 48 -14.22 11.37 7.23
N PHE A 49 -13.82 11.33 8.49
CA PHE A 49 -13.13 10.15 9.01
C PHE A 49 -13.98 9.28 9.90
N ARG A 50 -15.19 9.74 10.28
CA ARG A 50 -15.93 9.09 11.35
C ARG A 50 -16.19 7.62 11.06
N HIS A 51 -16.45 7.26 9.81
CA HIS A 51 -16.76 5.86 9.49
C HIS A 51 -15.69 5.17 8.66
N VAL A 52 -14.49 5.75 8.55
N VAL A 52 -14.50 5.76 8.50
CA VAL A 52 -13.42 5.12 7.77
CA VAL A 52 -13.49 5.07 7.71
C VAL A 52 -12.91 3.87 8.48
C VAL A 52 -13.01 3.84 8.46
N LYS A 53 -12.64 2.82 7.70
CA LYS A 53 -12.05 1.60 8.24
C LYS A 53 -10.55 1.83 8.31
N HIS A 54 -9.96 1.75 9.50
CA HIS A 54 -8.58 2.18 9.71
C HIS A 54 -7.72 1.07 10.30
N LEU A 55 -6.52 0.87 9.75
CA LEU A 55 -5.49 0.02 10.35
C LEU A 55 -4.20 0.79 10.39
N SER A 56 -3.56 0.88 11.55
CA SER A 56 -2.24 1.49 11.70
C SER A 56 -1.21 0.48 12.19
N ILE A 57 -0.07 0.47 11.53
CA ILE A 57 1.07 -0.36 11.91
C ILE A 57 2.21 0.55 12.30
N ASP A 58 2.75 0.33 13.51
CA ASP A 58 3.79 1.19 14.03
C ASP A 58 5.13 0.72 13.48
N ILE A 59 5.64 1.38 12.44
CA ILE A 59 6.95 1.04 11.91
C ILE A 59 7.62 2.31 11.42
N ASP A 60 8.93 2.33 11.55
CA ASP A 60 9.75 3.45 11.11
C ASP A 60 10.31 3.18 9.74
N ASP A 61 10.75 4.25 9.08
CA ASP A 61 11.33 4.11 7.75
C ASP A 61 12.84 3.96 7.88
N MET A 62 13.23 2.77 8.33
N MET A 62 13.23 2.76 8.29
CA MET A 62 14.63 2.43 8.56
CA MET A 62 14.63 2.45 8.50
C MET A 62 14.90 1.06 7.99
C MET A 62 14.90 1.06 7.97
N GLU A 63 16.13 0.85 7.50
CA GLU A 63 16.48 -0.41 6.82
C GLU A 63 16.43 -1.64 7.73
N ASP A 64 16.50 -1.46 9.04
CA ASP A 64 16.45 -2.52 10.04
C ASP A 64 15.06 -2.81 10.53
N GLN A 65 14.03 -2.21 9.93
CA GLN A 65 12.71 -2.39 10.46
C GLN A 65 12.15 -3.58 9.70
N ASP A 66 11.41 -4.43 10.41
CA ASP A 66 10.80 -5.63 9.81
C ASP A 66 9.42 -5.25 9.30
N ILE A 67 9.28 -5.12 7.97
CA ILE A 67 7.97 -4.90 7.36
C ILE A 67 7.46 -6.21 6.76
N LEU A 68 8.37 -7.16 6.46
CA LEU A 68 7.92 -8.46 5.91
C LEU A 68 6.88 -9.11 6.82
N ILE A 69 7.10 -9.03 8.14
CA ILE A 69 6.19 -9.71 9.07
C ILE A 69 4.76 -9.19 8.92
N HIS A 70 4.60 -7.94 8.51
CA HIS A 70 3.31 -7.30 8.38
C HIS A 70 2.69 -7.50 7.02
N LEU A 71 3.42 -8.04 6.03
CA LEU A 71 2.87 -7.94 4.68
C LEU A 71 1.62 -8.81 4.50
N PRO A 72 1.46 -9.98 5.12
CA PRO A 72 0.17 -10.68 4.93
C PRO A 72 -1.01 -9.84 5.39
N LYS A 73 -0.94 -9.28 6.61
CA LYS A 73 -2.03 -8.46 7.12
C LYS A 73 -2.28 -7.22 6.27
N ILE A 74 -1.20 -6.59 5.82
CA ILE A 74 -1.28 -5.43 4.92
C ILE A 74 -2.01 -5.77 3.65
N VAL A 75 -1.58 -6.82 2.98
CA VAL A 75 -2.20 -7.21 1.71
C VAL A 75 -3.68 -7.60 1.90
N ARG A 76 -3.98 -8.37 2.96
CA ARG A 76 -5.38 -8.71 3.25
C ARG A 76 -6.23 -7.46 3.51
N PHE A 77 -5.67 -6.45 4.20
CA PHE A 77 -6.43 -5.21 4.45
C PHE A 77 -6.76 -4.49 3.13
N ILE A 78 -5.77 -4.35 2.27
CA ILE A 78 -5.97 -3.66 0.99
C ILE A 78 -6.95 -4.45 0.12
N ASP A 79 -6.72 -5.76 -0.03
CA ASP A 79 -7.59 -6.56 -0.87
C ASP A 79 -9.02 -6.57 -0.33
N SER A 80 -9.20 -6.81 0.99
CA SER A 80 -10.57 -6.88 1.46
C SER A 80 -11.26 -5.52 1.41
N GLY A 81 -10.52 -4.43 1.63
CA GLY A 81 -11.14 -3.12 1.47
C GLY A 81 -11.56 -2.85 0.03
N LEU A 82 -10.73 -3.22 -0.95
CA LEU A 82 -11.13 -3.04 -2.36
C LEU A 82 -12.31 -3.92 -2.74
N ARG A 83 -12.33 -5.19 -2.31
CA ARG A 83 -13.40 -6.07 -2.73
C ARG A 83 -14.67 -5.88 -1.93
N GLY A 84 -14.57 -5.29 -0.75
CA GLY A 84 -15.78 -5.03 0.02
C GLY A 84 -16.36 -6.24 0.71
N ILE A 85 -15.52 -7.12 1.23
CA ILE A 85 -15.98 -8.27 2.00
C ILE A 85 -15.11 -8.44 3.23
N ALA A 92 -24.52 -10.98 3.03
CA ALA A 92 -24.15 -9.57 2.95
C ALA A 92 -23.67 -9.20 1.54
N VAL A 93 -24.31 -8.21 0.91
CA VAL A 93 -23.85 -7.73 -0.39
C VAL A 93 -22.47 -7.06 -0.24
N ALA A 94 -21.56 -7.37 -1.16
CA ALA A 94 -20.23 -6.76 -1.10
C ALA A 94 -20.35 -5.28 -1.45
N SER A 95 -19.55 -4.45 -0.79
CA SER A 95 -19.53 -3.03 -1.10
C SER A 95 -18.09 -2.59 -1.36
N PRO A 96 -17.63 -2.70 -2.60
CA PRO A 96 -16.23 -2.40 -2.91
C PRO A 96 -15.83 -1.02 -2.38
N GLY A 97 -14.63 -0.93 -1.81
CA GLY A 97 -14.18 0.29 -1.17
C GLY A 97 -13.11 1.02 -1.98
N VAL A 98 -12.66 2.12 -1.38
CA VAL A 98 -11.56 2.89 -1.92
C VAL A 98 -10.49 2.98 -0.84
N VAL A 99 -9.30 2.46 -1.13
CA VAL A 99 -8.27 2.30 -0.12
C VAL A 99 -7.14 3.31 -0.30
N LEU A 100 -6.83 4.05 0.78
CA LEU A 100 -5.63 4.90 0.85
C LEU A 100 -4.61 4.16 1.70
N VAL A 101 -3.37 4.07 1.21
CA VAL A 101 -2.24 3.59 1.99
C VAL A 101 -1.34 4.80 2.17
N HIS A 102 -1.03 5.17 3.41
CA HIS A 102 -0.15 6.33 3.56
C HIS A 102 0.95 6.06 4.59
N CYS A 103 1.95 6.94 4.60
CA CYS A 103 2.96 6.90 5.67
C CYS A 103 3.33 8.34 5.99
N ALA A 104 4.61 8.65 6.16
CA ALA A 104 4.93 10.08 6.37
C ALA A 104 5.09 10.81 5.05
N MET A 105 5.99 10.33 4.21
CA MET A 105 6.24 11.02 2.95
C MET A 105 5.48 10.43 1.79
N GLY A 106 4.82 9.26 1.95
CA GLY A 106 4.34 8.59 0.77
C GLY A 106 5.43 8.16 -0.18
N LYS A 107 6.58 7.74 0.37
CA LYS A 107 7.78 7.40 -0.38
C LYS A 107 8.22 5.97 -0.14
N SER A 108 8.31 5.55 1.12
CA SER A 108 9.00 4.30 1.45
C SER A 108 8.08 3.30 2.15
N ARG A 109 7.54 3.65 3.32
CA ARG A 109 6.71 2.68 4.04
C ARG A 109 5.41 2.33 3.26
N SER A 110 4.63 3.34 2.87
CA SER A 110 3.36 3.06 2.20
C SER A 110 3.59 2.41 0.84
N VAL A 111 4.64 2.84 0.14
CA VAL A 111 4.95 2.31 -1.18
C VAL A 111 5.29 0.84 -1.06
N THR A 112 6.08 0.48 -0.02
CA THR A 112 6.37 -0.94 0.18
C THR A 112 5.11 -1.77 0.35
N ALA A 113 4.16 -1.25 1.14
CA ALA A 113 2.88 -1.97 1.29
C ALA A 113 2.15 -2.12 -0.03
N ILE A 114 2.13 -1.07 -0.85
CA ILE A 114 1.43 -1.15 -2.13
C ILE A 114 2.12 -2.13 -3.04
N ILE A 115 3.47 -2.09 -3.09
CA ILE A 115 4.19 -3.02 -3.94
C ILE A 115 3.88 -4.47 -3.49
N ALA A 116 3.87 -4.72 -2.17
CA ALA A 116 3.55 -6.07 -1.71
C ALA A 116 2.20 -6.55 -2.23
N TYR A 117 1.21 -5.64 -2.22
CA TYR A 117 -0.10 -5.99 -2.74
C TYR A 117 -0.04 -6.22 -4.25
N LEU A 118 0.67 -5.33 -4.99
CA LEU A 118 0.72 -5.48 -6.45
C LEU A 118 1.42 -6.77 -6.86
N LEU A 119 2.52 -7.14 -6.17
CA LEU A 119 3.21 -8.40 -6.47
C LEU A 119 2.33 -9.60 -6.18
N TRP A 120 1.52 -9.49 -5.14
CA TRP A 120 0.64 -10.60 -4.74
C TRP A 120 -0.54 -10.73 -5.70
N LYS A 121 -1.08 -9.61 -6.12
CA LYS A 121 -2.29 -9.63 -6.97
C LYS A 121 -1.98 -9.81 -8.45
N TYR A 122 -0.88 -9.21 -8.94
CA TYR A 122 -0.54 -9.24 -10.37
C TYR A 122 0.86 -9.79 -10.65
N PRO A 123 1.14 -11.01 -10.21
CA PRO A 123 2.49 -11.55 -10.43
C PRO A 123 2.89 -11.63 -11.89
N TYR A 124 1.97 -11.97 -12.81
CA TYR A 124 2.39 -12.05 -14.21
C TYR A 124 2.73 -10.70 -14.80
N ARG A 125 2.12 -9.63 -14.31
CA ARG A 125 2.50 -8.30 -14.78
C ARG A 125 3.97 -8.00 -14.50
N PHE A 126 4.50 -8.50 -13.39
CA PHE A 126 5.85 -8.19 -12.94
C PHE A 126 6.83 -9.33 -13.20
N GLY A 127 6.44 -10.30 -14.02
CA GLY A 127 7.33 -11.31 -14.57
C GLY A 127 7.20 -12.75 -14.08
N LYS A 128 6.08 -13.13 -13.47
CA LYS A 128 6.00 -14.44 -12.83
C LYS A 128 6.48 -15.61 -13.70
N SER A 129 6.60 -15.49 -15.03
CA SER A 129 7.38 -16.56 -15.68
C SER A 129 7.95 -16.19 -17.03
N ASP A 130 8.66 -15.08 -17.12
CA ASP A 130 9.95 -15.15 -17.79
C ASP A 130 10.82 -15.94 -16.83
N PRO A 131 11.47 -17.02 -17.25
CA PRO A 131 12.07 -17.86 -16.21
C PRO A 131 13.31 -17.23 -15.59
N ASN A 132 14.05 -16.42 -16.34
CA ASN A 132 15.07 -15.59 -15.72
C ASN A 132 14.46 -14.25 -15.32
N ILE A 133 13.42 -14.37 -14.51
CA ILE A 133 12.87 -13.27 -13.73
C ILE A 133 13.42 -13.39 -12.32
N SER A 134 14.17 -12.40 -11.87
CA SER A 134 14.68 -12.40 -10.50
C SER A 134 13.71 -11.64 -9.59
N ALA A 135 13.80 -11.92 -8.29
CA ALA A 135 13.00 -11.12 -7.36
C ALA A 135 13.33 -9.64 -7.46
N LYS A 136 14.62 -9.32 -7.56
CA LYS A 136 15.02 -7.92 -7.69
C LYS A 136 14.35 -7.28 -8.89
N GLU A 137 14.30 -8.01 -10.02
CA GLU A 137 13.67 -7.43 -11.20
C GLU A 137 12.16 -7.30 -11.03
N ALA A 138 11.52 -8.27 -10.38
CA ALA A 138 10.07 -8.18 -10.21
C ALA A 138 9.72 -6.99 -9.32
N VAL A 139 10.46 -6.82 -8.23
CA VAL A 139 10.20 -5.73 -7.31
C VAL A 139 10.44 -4.40 -8.02
N SER A 140 11.51 -4.34 -8.83
CA SER A 140 11.84 -3.10 -9.54
C SER A 140 10.72 -2.73 -10.50
N ARG A 141 10.17 -3.72 -11.18
CA ARG A 141 9.09 -3.41 -12.11
C ARG A 141 7.86 -2.91 -11.36
N ALA A 142 7.57 -3.46 -10.17
CA ALA A 142 6.43 -2.97 -9.39
C ALA A 142 6.70 -1.56 -8.87
N LEU A 143 7.94 -1.29 -8.47
CA LEU A 143 8.29 0.07 -8.06
C LEU A 143 8.11 1.06 -9.22
N GLU A 144 8.58 0.70 -10.42
CA GLU A 144 8.42 1.63 -11.55
C GLU A 144 6.95 1.81 -11.91
N TRP A 145 6.15 0.76 -11.69
CA TRP A 145 4.70 0.91 -11.89
C TRP A 145 4.11 1.95 -10.96
N VAL A 146 4.47 1.87 -9.67
CA VAL A 146 4.02 2.86 -8.71
C VAL A 146 4.50 4.25 -9.12
N ARG A 147 5.75 4.37 -9.56
CA ARG A 147 6.36 5.67 -9.89
C ARG A 147 5.62 6.34 -11.07
N GLU A 148 4.83 5.58 -11.84
N GLU A 148 4.82 5.59 -11.84
CA GLU A 148 4.02 6.18 -12.88
CA GLU A 148 4.08 6.25 -12.91
C GLU A 148 3.16 7.31 -12.33
C GLU A 148 3.08 7.27 -12.39
N THR A 149 2.58 7.11 -11.17
CA THR A 149 1.70 8.13 -10.59
C THR A 149 2.19 8.67 -9.27
N ARG A 150 3.21 8.05 -8.62
CA ARG A 150 3.82 8.56 -7.39
C ARG A 150 5.32 8.63 -7.65
N PRO A 151 5.78 9.65 -8.37
CA PRO A 151 7.19 9.63 -8.81
C PRO A 151 8.18 9.64 -7.65
N ILE A 152 7.84 10.17 -6.46
CA ILE A 152 8.82 10.15 -5.35
C ILE A 152 8.97 8.76 -4.73
N ALA A 153 8.17 7.78 -5.16
CA ALA A 153 8.22 6.45 -4.54
C ALA A 153 9.64 5.89 -4.54
N GLY A 154 10.04 5.29 -3.40
CA GLY A 154 11.38 4.78 -3.25
C GLY A 154 11.57 4.16 -1.89
N PRO A 155 11.22 2.88 -1.75
CA PRO A 155 11.47 2.23 -0.45
C PRO A 155 12.94 2.17 -0.10
N ASN A 156 13.18 2.20 1.19
CA ASN A 156 14.56 2.13 1.66
C ASN A 156 15.14 0.74 1.33
N ASP A 157 16.49 0.62 1.40
CA ASP A 157 17.19 -0.57 0.91
C ASP A 157 16.75 -1.84 1.63
N GLY A 158 16.44 -1.74 2.92
CA GLY A 158 15.99 -2.91 3.68
C GLY A 158 14.59 -3.35 3.25
N PHE A 159 13.69 -2.38 3.06
CA PHE A 159 12.39 -2.72 2.54
C PHE A 159 12.49 -3.36 1.16
N MET A 160 13.39 -2.85 0.30
CA MET A 160 13.55 -3.48 -1.02
C MET A 160 13.97 -4.93 -0.87
N ARG A 161 14.92 -5.21 0.02
CA ARG A 161 15.34 -6.59 0.26
C ARG A 161 14.17 -7.44 0.75
N GLN A 162 13.35 -6.90 1.65
CA GLN A 162 12.24 -7.69 2.19
C GLN A 162 11.17 -7.93 1.14
N LEU A 163 10.96 -6.98 0.24
CA LEU A 163 10.03 -7.24 -0.87
C LEU A 163 10.53 -8.36 -1.77
N GLU A 164 11.85 -8.46 -1.95
CA GLU A 164 12.39 -9.59 -2.69
C GLU A 164 12.14 -10.88 -1.94
N MET A 165 12.29 -10.85 -0.61
CA MET A 165 11.93 -12.04 0.18
C MET A 165 10.46 -12.40 0.00
N TRP A 166 9.59 -11.39 0.09
CA TRP A 166 8.13 -11.59 -0.12
C TRP A 166 7.84 -12.31 -1.44
N TRP A 167 8.42 -11.83 -2.53
CA TRP A 167 8.27 -12.48 -3.84
C TRP A 167 8.77 -13.91 -3.82
N ASP A 168 10.00 -14.10 -3.33
CA ASP A 168 10.57 -15.45 -3.33
C ASP A 168 9.83 -16.43 -2.40
N MET A 169 9.12 -15.96 -1.39
CA MET A 169 8.26 -16.78 -0.56
C MET A 169 6.90 -17.03 -1.23
N GLY A 170 6.71 -16.52 -2.42
CA GLY A 170 5.43 -16.72 -3.11
C GLY A 170 4.32 -15.80 -2.67
N CYS A 171 4.65 -14.67 -2.02
CA CYS A 171 3.68 -13.69 -1.54
C CYS A 171 2.59 -14.34 -0.68
N PRO A 172 2.93 -14.97 0.40
CA PRO A 172 1.93 -15.76 1.14
C PRO A 172 1.04 -14.86 1.99
N ALA A 173 -0.08 -14.34 1.44
CA ALA A 173 -0.97 -13.48 2.23
C ALA A 173 -2.09 -14.25 2.96
N ASP A 174 -2.26 -15.55 2.71
CA ASP A 174 -3.32 -16.28 3.40
C ASP A 174 -3.05 -16.37 4.90
N SER A 175 -4.12 -16.33 5.69
CA SER A 175 -4.04 -16.37 7.15
C SER A 175 -4.10 -17.79 7.68
#